data_4XZL
#
_entry.id   4XZL
#
_cell.length_a   79.129
_cell.length_b   79.129
_cell.length_c   50.146
_cell.angle_alpha   90.00
_cell.angle_beta   90.00
_cell.angle_gamma   120.00
#
_symmetry.space_group_name_H-M   'P 31'
#
loop_
_entity.id
_entity.type
_entity.pdbx_description
1 polymer 'Aldo-keto reductase family 1 member B10'
2 non-polymer 'NADP NICOTINAMIDE-ADENINE-DINUCLEOTIDE PHOSPHATE'
3 non-polymer '[2,4-dioxo-3-(2,3,4,5-tetrabromo-6-methoxybenzyl)-3,4-dihydropyrimidin-1(2H)-yl]acetic acid'
4 non-polymer 1,2-ETHANEDIOL
5 water water
#
_entity_poly.entity_id   1
_entity_poly.type   'polypeptide(L)'
_entity_poly.pdbx_seq_one_letter_code
;MATFVELSTKA(MLZ)MPIVGLGTWKSPLG(MLY)VKEAV(MLY)VAIDAGYRHIDCAYVYQNEHEVGEAIQE(MLZ)IQ
E(MLY)AVKREDLFIVSKLWPTFFERPLVRKAFE(MLY)TL(MLZ)DLKLSYLDVYLIHWPQGFKSGDDLFPRDDKGNAI
GGKATFLDAWEAMEELVDEGLV(MLZ)ALGVSNFSHFQIEKLLNKPGL(MLZ)YKPVTNQVECHPYLTQEKLIQYCHS
(MLY)GITVTAYSPLGSPDRPWAKPEDPSLLEDP(MLZ)IKEIAAKH(MLY)(MLZ)TAAQVLIRFHIQRNVIVIP
(MLY)SVTPARIVENIQVFDFKLSDEEMATILSFNRNWRACNLLQSSHLEDYPFNAEY
;
_entity_poly.pdbx_strand_id   X
#
loop_
_chem_comp.id
_chem_comp.type
_chem_comp.name
_chem_comp.formula
EDO non-polymer 1,2-ETHANEDIOL 'C2 H6 O2'
F49 non-polymer '[2,4-dioxo-3-(2,3,4,5-tetrabromo-6-methoxybenzyl)-3,4-dihydropyrimidin-1(2H)-yl]acetic acid' 'C14 H10 Br4 N2 O5'
NAP non-polymer 'NADP NICOTINAMIDE-ADENINE-DINUCLEOTIDE PHOSPHATE' 'C21 H28 N7 O17 P3'
#
# COMPACT_ATOMS: atom_id res chain seq x y z
N MET A 1 13.14 -4.91 -14.12
CA MET A 1 11.80 -5.26 -14.59
C MET A 1 11.13 -6.25 -13.65
N ALA A 2 10.12 -5.77 -12.93
CA ALA A 2 9.39 -6.62 -12.00
C ALA A 2 8.40 -7.54 -12.71
N THR A 3 8.16 -8.72 -12.14
CA THR A 3 7.11 -9.58 -12.62
C THR A 3 5.78 -8.98 -12.19
N PHE A 4 4.69 -9.71 -12.43
CA PHE A 4 3.35 -9.18 -12.19
C PHE A 4 2.48 -10.15 -11.41
N VAL A 5 1.44 -9.62 -10.77
CA VAL A 5 0.39 -10.43 -10.18
C VAL A 5 -0.87 -10.06 -10.94
N GLU A 6 -1.55 -11.06 -11.50
CA GLU A 6 -2.76 -10.78 -12.27
C GLU A 6 -3.95 -10.48 -11.37
N LEU A 7 -4.64 -9.38 -11.67
CA LEU A 7 -5.83 -8.99 -10.93
C LEU A 7 -7.05 -9.66 -11.54
N SER A 8 -8.15 -9.64 -10.81
CA SER A 8 -9.40 -10.24 -11.27
C SER A 8 -9.93 -9.55 -12.53
N THR A 9 -9.46 -8.32 -12.76
CA THR A 9 -9.84 -7.55 -13.94
C THR A 9 -8.95 -7.88 -15.13
N LYS A 10 -8.00 -8.79 -14.91
CA LYS A 10 -6.97 -9.19 -15.89
C LYS A 10 -5.86 -8.15 -16.06
N ALA A 11 -5.93 -7.05 -15.31
CA ALA A 11 -4.84 -6.07 -15.33
C ALA A 11 -3.62 -6.67 -14.64
N MLZ A 12 -2.43 -6.26 -15.06
CA MLZ A 12 -1.21 -6.77 -14.46
CB MLZ A 12 -0.24 -7.21 -15.55
CG MLZ A 12 -0.79 -8.46 -16.23
CD MLZ A 12 0.22 -9.06 -17.19
CE MLZ A 12 0.58 -8.07 -18.29
NZ MLZ A 12 1.08 -8.75 -19.47
CM MLZ A 12 0.26 -8.80 -20.67
C MLZ A 12 -0.57 -5.75 -13.54
O MLZ A 12 -0.11 -4.71 -13.97
N MET A 13 -0.56 -6.07 -12.26
CA MET A 13 -0.03 -5.20 -11.23
C MET A 13 1.41 -5.60 -10.91
N PRO A 14 2.38 -4.71 -11.17
CA PRO A 14 3.79 -5.02 -10.91
C PRO A 14 3.99 -5.40 -9.44
N ILE A 15 4.75 -6.47 -9.21
CA ILE A 15 4.82 -7.07 -7.89
C ILE A 15 5.67 -6.27 -6.89
N VAL A 16 6.54 -5.40 -7.42
CA VAL A 16 7.27 -4.46 -6.60
C VAL A 16 6.89 -3.04 -7.01
N GLY A 17 6.52 -2.22 -6.04
CA GLY A 17 6.19 -0.83 -6.29
C GLY A 17 6.96 0.09 -5.36
N LEU A 18 6.95 1.37 -5.66
CA LEU A 18 7.62 2.36 -4.82
C LEU A 18 6.64 3.02 -3.84
N GLY A 19 6.94 2.92 -2.56
CA GLY A 19 6.15 3.61 -1.54
C GLY A 19 6.53 5.08 -1.47
N THR A 20 5.60 5.93 -1.04
CA THR A 20 5.84 7.37 -1.02
C THR A 20 5.40 8.04 0.28
N TRP A 21 4.98 7.26 1.27
CA TRP A 21 4.63 7.84 2.57
C TRP A 21 5.85 8.50 3.21
N LYS A 22 5.71 9.76 3.62
CA LYS A 22 6.79 10.50 4.26
C LYS A 22 7.98 10.80 3.33
N SER A 23 7.77 10.64 2.02
CA SER A 23 8.79 11.06 1.07
C SER A 23 8.72 12.57 0.90
N PRO A 24 9.75 13.30 1.36
CA PRO A 24 9.66 14.76 1.44
C PRO A 24 9.59 15.42 0.08
N LEU A 25 8.96 16.58 0.02
CA LEU A 25 9.05 17.42 -1.17
C LEU A 25 10.51 17.80 -1.33
N GLY A 26 11.01 17.74 -2.57
CA GLY A 26 12.41 18.04 -2.81
C GLY A 26 13.24 16.77 -2.90
N MLY A 27 12.62 15.65 -2.56
CA MLY A 27 13.25 14.35 -2.73
CB MLY A 27 13.72 13.80 -1.39
CG MLY A 27 14.89 14.55 -0.77
CD MLY A 27 15.45 13.74 0.38
CE MLY A 27 16.40 14.56 1.24
NZ MLY A 27 16.76 13.77 2.45
CH1 MLY A 27 18.20 13.99 2.68
CH2 MLY A 27 16.04 14.37 3.58
C MLY A 27 12.36 13.34 -3.42
O MLY A 27 12.84 12.41 -4.06
N VAL A 28 11.05 13.50 -3.28
CA VAL A 28 10.12 12.52 -3.83
C VAL A 28 10.11 12.54 -5.37
N LYS A 29 10.23 13.73 -5.95
CA LYS A 29 10.34 13.84 -7.40
C LYS A 29 11.54 13.05 -7.93
N GLU A 30 12.70 13.27 -7.34
CA GLU A 30 13.90 12.55 -7.77
C GLU A 30 13.76 11.06 -7.50
N ALA A 31 13.13 10.73 -6.38
CA ALA A 31 12.90 9.33 -6.03
C ALA A 31 12.12 8.60 -7.11
N VAL A 32 11.04 9.23 -7.57
CA VAL A 32 10.19 8.63 -8.60
C VAL A 32 10.94 8.52 -9.93
N MLY A 33 11.73 9.54 -10.25
CA MLY A 33 12.55 9.53 -11.47
CB MLY A 33 13.24 10.89 -11.66
CG MLY A 33 12.26 12.01 -12.02
CD MLY A 33 12.87 13.40 -11.82
CE MLY A 33 14.08 13.62 -12.71
NZ MLY A 33 14.47 15.06 -12.83
CH1 MLY A 33 14.48 15.67 -11.49
CH2 MLY A 33 15.85 15.08 -13.31
C MLY A 33 13.57 8.39 -11.44
O MLY A 33 13.67 7.61 -12.39
N VAL A 34 14.31 8.27 -10.34
CA VAL A 34 15.25 7.16 -10.16
C VAL A 34 14.58 5.79 -10.24
N ALA A 35 13.40 5.68 -9.63
CA ALA A 35 12.67 4.42 -9.61
C ALA A 35 12.28 4.00 -11.03
N ILE A 36 11.72 4.93 -11.78
CA ILE A 36 11.31 4.62 -13.15
C ILE A 36 12.53 4.22 -13.97
N ASP A 37 13.63 4.93 -13.78
CA ASP A 37 14.88 4.60 -14.45
C ASP A 37 15.36 3.20 -14.09
N ALA A 38 15.11 2.79 -12.84
CA ALA A 38 15.55 1.49 -12.35
C ALA A 38 14.60 0.35 -12.72
N GLY A 39 13.47 0.68 -13.33
CA GLY A 39 12.54 -0.34 -13.77
C GLY A 39 11.23 -0.43 -12.98
N TYR A 40 11.06 0.43 -11.99
CA TYR A 40 9.80 0.50 -11.27
C TYR A 40 8.72 1.00 -12.24
N ARG A 41 7.53 0.42 -12.12
CA ARG A 41 6.40 0.87 -12.92
C ARG A 41 5.20 1.16 -12.02
N HIS A 42 5.21 0.54 -10.85
CA HIS A 42 4.15 0.65 -9.86
C HIS A 42 4.55 1.68 -8.79
N ILE A 43 3.72 2.71 -8.62
CA ILE A 43 3.96 3.72 -7.60
C ILE A 43 2.74 3.80 -6.68
N ASP A 44 2.98 3.69 -5.37
CA ASP A 44 1.90 3.77 -4.39
C ASP A 44 1.84 5.15 -3.76
N CYS A 45 0.69 5.80 -3.93
CA CYS A 45 0.48 7.18 -3.51
C CYS A 45 -0.70 7.29 -2.57
N ALA A 46 -0.90 8.46 -1.99
CA ALA A 46 -2.12 8.75 -1.24
C ALA A 46 -2.33 10.24 -1.07
N TYR A 47 -3.60 10.64 -1.02
CA TYR A 47 -4.00 12.01 -0.71
C TYR A 47 -3.36 12.50 0.58
N VAL A 48 -3.38 11.65 1.60
CA VAL A 48 -2.94 12.06 2.94
C VAL A 48 -1.42 12.28 3.02
N TYR A 49 -0.68 11.84 2.00
CA TYR A 49 0.77 11.99 2.02
C TYR A 49 1.15 13.41 1.64
N GLN A 50 0.22 14.13 1.01
CA GLN A 50 0.39 15.53 0.65
C GLN A 50 1.64 15.80 -0.19
N ASN A 51 1.97 14.84 -1.07
CA ASN A 51 3.10 14.97 -1.96
C ASN A 51 2.78 14.49 -3.38
N GLU A 52 1.49 14.28 -3.66
CA GLU A 52 1.07 13.74 -4.95
C GLU A 52 1.37 14.71 -6.09
N HIS A 53 1.38 16.01 -5.80
CA HIS A 53 1.69 17.00 -6.83
C HIS A 53 3.13 16.88 -7.32
N GLU A 54 4.05 16.52 -6.43
CA GLU A 54 5.45 16.34 -6.82
C GLU A 54 5.67 14.97 -7.48
N VAL A 55 4.95 13.95 -7.03
CA VAL A 55 4.95 12.66 -7.73
C VAL A 55 4.44 12.85 -9.15
N GLY A 56 3.39 13.65 -9.30
CA GLY A 56 2.83 13.94 -10.60
C GLY A 56 3.84 14.57 -11.55
N GLU A 57 4.62 15.51 -11.02
CA GLU A 57 5.64 16.17 -11.84
C GLU A 57 6.68 15.18 -12.35
N ALA A 58 7.12 14.27 -11.48
CA ALA A 58 8.12 13.29 -11.84
C ALA A 58 7.60 12.35 -12.93
N ILE A 59 6.36 11.90 -12.77
CA ILE A 59 5.74 11.01 -13.74
C ILE A 59 5.63 11.68 -15.11
N GLN A 60 5.19 12.94 -15.11
CA GLN A 60 5.02 13.67 -16.36
C GLN A 60 6.35 13.85 -17.08
N GLU A 61 7.40 14.14 -16.30
CA GLU A 61 8.76 14.24 -16.83
C GLU A 61 9.17 13.01 -17.62
N MLZ A 62 9.05 11.84 -16.99
CA MLZ A 62 9.53 10.60 -17.56
CB MLZ A 62 9.45 9.50 -16.53
CG MLZ A 62 10.57 9.68 -15.49
CD MLZ A 62 11.92 9.24 -16.05
CE MLZ A 62 13.02 10.20 -15.61
NZ MLZ A 62 14.33 9.80 -16.08
CM MLZ A 62 15.49 10.52 -15.59
C MLZ A 62 8.73 10.22 -18.78
O MLZ A 62 9.25 9.60 -19.70
N ILE A 63 7.44 10.56 -18.78
CA ILE A 63 6.58 10.27 -19.92
C ILE A 63 6.95 11.15 -21.11
N GLN A 64 7.14 12.43 -20.86
N GLN A 64 7.14 12.43 -20.83
CA GLN A 64 7.43 13.36 -21.96
CA GLN A 64 7.48 13.40 -21.87
C GLN A 64 8.87 13.23 -22.46
C GLN A 64 8.79 13.06 -22.58
N GLU A 65 9.68 12.46 -21.74
N GLU A 65 9.79 12.61 -21.82
CA GLU A 65 11.06 12.20 -22.15
CA GLU A 65 11.08 12.29 -22.42
C GLU A 65 11.23 10.80 -22.74
C GLU A 65 11.23 10.81 -22.78
N MLY A 66 10.10 10.15 -23.04
CA MLY A 66 10.06 8.79 -23.61
CB MLY A 66 10.65 8.77 -25.03
CG MLY A 66 10.03 9.78 -25.99
CD MLY A 66 9.87 9.18 -27.38
CE MLY A 66 11.14 8.46 -27.83
NZ MLY A 66 10.94 7.61 -29.06
CH1 MLY A 66 9.75 6.77 -28.84
CH2 MLY A 66 10.64 8.49 -30.19
C MLY A 66 10.69 7.68 -22.77
O MLY A 66 10.97 6.59 -23.27
N ALA A 67 10.90 7.93 -21.48
CA ALA A 67 11.46 6.93 -20.59
C ALA A 67 10.46 5.83 -20.30
N VAL A 68 9.18 6.18 -20.34
CA VAL A 68 8.11 5.24 -20.03
C VAL A 68 6.80 5.74 -20.68
N LYS A 69 5.88 4.80 -20.94
CA LYS A 69 4.55 5.15 -21.44
C LYS A 69 3.52 5.01 -20.32
N ARG A 70 2.47 5.83 -20.35
CA ARG A 70 1.44 5.81 -19.30
C ARG A 70 0.85 4.42 -19.08
N GLU A 71 0.58 3.72 -20.18
CA GLU A 71 -0.03 2.38 -20.13
C GLU A 71 0.84 1.38 -19.39
N ASP A 72 2.14 1.67 -19.31
CA ASP A 72 3.09 0.75 -18.66
C ASP A 72 3.29 1.09 -17.19
N LEU A 73 2.82 2.27 -16.78
CA LEU A 73 2.85 2.63 -15.36
C LEU A 73 1.63 2.07 -14.66
N PHE A 74 1.75 1.89 -13.34
CA PHE A 74 0.65 1.37 -12.55
C PHE A 74 0.55 2.25 -11.30
N ILE A 75 -0.41 3.16 -11.32
CA ILE A 75 -0.47 4.20 -10.31
C ILE A 75 -1.66 4.01 -9.39
N VAL A 76 -1.35 3.98 -8.09
CA VAL A 76 -2.35 3.68 -7.08
C VAL A 76 -2.46 4.86 -6.13
N SER A 77 -3.69 5.26 -5.81
CA SER A 77 -3.90 6.22 -4.73
C SER A 77 -5.01 5.73 -3.80
N LYS A 78 -5.29 6.53 -2.77
CA LYS A 78 -6.19 6.09 -1.72
C LYS A 78 -7.11 7.23 -1.28
N LEU A 79 -8.35 6.87 -0.99
CA LEU A 79 -9.33 7.80 -0.45
C LEU A 79 -9.23 7.83 1.07
N TRP A 80 -9.03 9.02 1.62
CA TRP A 80 -8.88 9.21 3.06
C TRP A 80 -10.27 9.27 3.72
N PRO A 81 -10.40 8.68 4.92
CA PRO A 81 -11.71 8.49 5.56
C PRO A 81 -12.40 9.75 6.08
N THR A 82 -11.82 10.92 5.89
CA THR A 82 -12.56 12.16 6.16
C THR A 82 -13.39 12.54 4.93
N PHE A 83 -13.27 11.76 3.87
CA PHE A 83 -13.99 12.05 2.64
C PHE A 83 -14.95 10.95 2.21
N PHE A 84 -15.57 10.26 3.17
CA PHE A 84 -16.48 9.16 2.86
C PHE A 84 -17.86 9.61 2.42
N GLU A 85 -18.22 10.84 2.76
CA GLU A 85 -19.47 11.42 2.26
C GLU A 85 -19.41 11.53 0.74
N ARG A 86 -20.48 11.11 0.08
CA ARG A 86 -20.52 11.02 -1.39
C ARG A 86 -19.90 12.20 -2.17
N PRO A 87 -20.32 13.45 -1.86
CA PRO A 87 -19.75 14.58 -2.62
C PRO A 87 -18.26 14.76 -2.38
N LEU A 88 -17.79 14.37 -1.20
CA LEU A 88 -16.39 14.53 -0.85
C LEU A 88 -15.48 13.48 -1.50
N VAL A 89 -16.04 12.31 -1.81
CA VAL A 89 -15.27 11.28 -2.53
C VAL A 89 -14.81 11.84 -3.88
N ARG A 90 -15.73 12.51 -4.57
CA ARG A 90 -15.40 13.07 -5.87
C ARG A 90 -14.38 14.19 -5.75
N LYS A 91 -14.59 15.09 -4.80
CA LYS A 91 -13.70 16.24 -4.62
C LYS A 91 -12.30 15.79 -4.24
N ALA A 92 -12.21 14.82 -3.34
CA ALA A 92 -10.92 14.30 -2.91
C ALA A 92 -10.20 13.60 -4.06
N PHE A 93 -10.94 12.76 -4.79
CA PHE A 93 -10.37 12.09 -5.95
C PHE A 93 -9.86 13.07 -6.99
N GLU A 94 -10.66 14.10 -7.26
CA GLU A 94 -10.28 15.10 -8.26
C GLU A 94 -8.97 15.80 -7.90
N MLY A 95 -8.77 16.09 -6.62
CA MLY A 95 -7.54 16.70 -6.13
CB MLY A 95 -7.68 17.12 -4.67
CG MLY A 95 -6.39 17.48 -3.95
CD MLY A 95 -5.75 18.76 -4.45
CE MLY A 95 -4.61 19.21 -3.53
NZ MLY A 95 -3.59 19.98 -4.30
CH1 MLY A 95 -4.23 21.22 -4.76
CH2 MLY A 95 -2.52 20.37 -3.37
C MLY A 95 -6.36 15.74 -6.33
O MLY A 95 -5.30 16.13 -6.83
N THR A 96 -6.56 14.48 -5.97
CA THR A 96 -5.55 13.45 -6.21
C THR A 96 -5.17 13.35 -7.69
N LEU A 97 -6.16 13.23 -8.56
CA LEU A 97 -5.91 13.08 -9.99
C LEU A 97 -5.23 14.32 -10.58
N MLZ A 98 -5.65 15.51 -10.14
CA MLZ A 98 -5.07 16.75 -10.65
CB MLZ A 98 -5.89 17.98 -10.26
CG MLZ A 98 -5.26 19.23 -10.84
CD MLZ A 98 -6.28 20.30 -11.21
CE MLZ A 98 -5.58 21.53 -11.78
NZ MLZ A 98 -6.48 22.59 -12.18
CM MLZ A 98 -7.92 22.42 -12.09
C MLZ A 98 -3.64 16.90 -10.18
O MLZ A 98 -2.77 17.28 -10.95
N ASP A 99 -3.40 16.58 -8.91
CA ASP A 99 -2.04 16.62 -8.38
C ASP A 99 -1.12 15.66 -9.16
N LEU A 100 -1.61 14.45 -9.43
CA LEU A 100 -0.79 13.46 -10.11
C LEU A 100 -0.66 13.75 -11.60
N LYS A 101 -1.42 14.75 -12.07
CA LYS A 101 -1.42 15.15 -13.49
C LYS A 101 -1.75 13.98 -14.43
N LEU A 102 -2.68 13.13 -14.02
CA LEU A 102 -3.04 11.95 -14.79
C LEU A 102 -4.48 12.03 -15.27
N SER A 103 -4.80 11.23 -16.29
CA SER A 103 -6.15 11.16 -16.80
C SER A 103 -6.93 10.04 -16.11
N TYR A 104 -6.22 9.11 -15.48
CA TYR A 104 -6.84 8.01 -14.76
C TYR A 104 -5.91 7.41 -13.73
N LEU A 105 -6.48 6.69 -12.78
CA LEU A 105 -5.70 5.90 -11.82
C LEU A 105 -5.87 4.43 -12.16
N ASP A 106 -4.83 3.64 -11.90
CA ASP A 106 -4.93 2.21 -12.13
C ASP A 106 -5.71 1.53 -11.02
N VAL A 107 -5.45 1.94 -9.78
CA VAL A 107 -6.22 1.45 -8.64
C VAL A 107 -6.51 2.58 -7.66
N TYR A 108 -7.73 2.63 -7.13
CA TYR A 108 -8.10 3.59 -6.08
C TYR A 108 -8.59 2.81 -4.86
N LEU A 109 -7.94 3.05 -3.71
CA LEU A 109 -8.22 2.26 -2.51
C LEU A 109 -8.93 3.04 -1.43
N ILE A 110 -9.79 2.36 -0.68
CA ILE A 110 -10.25 2.89 0.60
C ILE A 110 -9.06 2.75 1.56
N HIS A 111 -8.55 3.88 2.06
CA HIS A 111 -7.31 3.88 2.84
C HIS A 111 -7.43 3.19 4.19
N TRP A 112 -8.58 3.39 4.82
CA TRP A 112 -8.87 2.84 6.15
CA TRP A 112 -8.87 2.85 6.15
C TRP A 112 -10.37 2.61 6.22
N PRO A 113 -10.81 1.52 6.88
CA PRO A 113 -12.24 1.21 6.87
C PRO A 113 -13.13 2.11 7.75
N GLN A 114 -12.59 2.65 8.82
CA GLN A 114 -13.37 3.49 9.72
CA GLN A 114 -13.36 3.51 9.73
C GLN A 114 -13.52 4.92 9.17
N GLY A 115 -14.75 5.42 9.17
CA GLY A 115 -14.96 6.79 8.73
C GLY A 115 -14.54 7.77 9.82
N PHE A 116 -13.91 8.87 9.42
CA PHE A 116 -13.56 9.92 10.37
C PHE A 116 -14.45 11.12 10.13
N LYS A 117 -14.40 12.10 11.03
CA LYS A 117 -15.19 13.32 10.86
C LYS A 117 -14.95 13.91 9.48
N SER A 118 -16.04 14.13 8.73
CA SER A 118 -15.94 14.59 7.36
C SER A 118 -15.37 15.99 7.24
N GLY A 119 -14.52 16.19 6.24
CA GLY A 119 -13.93 17.49 6.00
C GLY A 119 -12.45 17.45 5.74
N ASP A 120 -11.83 18.63 5.76
CA ASP A 120 -10.43 18.76 5.39
C ASP A 120 -9.46 18.86 6.57
N ASP A 121 -9.96 18.56 7.76
CA ASP A 121 -9.09 18.25 8.89
C ASP A 121 -8.83 16.76 8.73
N LEU A 122 -7.61 16.40 8.29
CA LEU A 122 -7.33 15.02 7.95
C LEU A 122 -7.20 14.14 9.18
N PHE A 123 -6.85 14.75 10.31
CA PHE A 123 -6.66 14.02 11.55
C PHE A 123 -7.48 14.65 12.65
N PRO A 124 -8.82 14.54 12.55
CA PRO A 124 -9.67 15.10 13.60
C PRO A 124 -9.51 14.28 14.88
N ARG A 125 -9.13 14.93 15.97
CA ARG A 125 -8.81 14.24 17.20
C ARG A 125 -9.37 14.99 18.40
N ASP A 126 -9.64 14.26 19.48
CA ASP A 126 -10.01 14.89 20.74
C ASP A 126 -8.76 15.35 21.48
N ASP A 127 -8.93 15.78 22.73
CA ASP A 127 -7.82 16.29 23.52
C ASP A 127 -6.76 15.24 23.81
N LYS A 128 -7.19 13.98 23.88
CA LYS A 128 -6.30 12.87 24.19
C LYS A 128 -5.59 12.39 22.92
N GLY A 129 -6.11 12.78 21.77
CA GLY A 129 -5.54 12.36 20.51
C GLY A 129 -6.28 11.22 19.85
N ASN A 130 -7.45 10.88 20.40
CA ASN A 130 -8.29 9.84 19.80
C ASN A 130 -9.02 10.38 18.58
N ALA A 131 -9.10 9.57 17.52
CA ALA A 131 -9.78 9.96 16.30
C ALA A 131 -11.26 10.25 16.53
N ILE A 132 -11.77 11.27 15.83
CA ILE A 132 -13.19 11.59 15.88
C ILE A 132 -13.88 10.95 14.67
N GLY A 133 -14.91 10.15 14.92
CA GLY A 133 -15.58 9.42 13.87
C GLY A 133 -16.52 10.26 13.02
N GLY A 134 -16.87 9.73 11.86
CA GLY A 134 -17.90 10.32 11.01
C GLY A 134 -18.92 9.22 10.75
N LYS A 135 -20.15 9.61 10.45
CA LYS A 135 -21.21 8.62 10.25
C LYS A 135 -21.19 7.95 8.87
N ALA A 136 -20.56 8.60 7.89
CA ALA A 136 -20.42 7.98 6.57
C ALA A 136 -19.51 6.76 6.67
N THR A 137 -19.89 5.66 6.02
CA THR A 137 -19.17 4.39 6.14
C THR A 137 -18.35 4.08 4.90
N PHE A 138 -17.55 3.01 4.95
CA PHE A 138 -16.79 2.63 3.77
C PHE A 138 -17.67 2.13 2.63
N LEU A 139 -18.87 1.66 2.96
CA LEU A 139 -19.84 1.31 1.93
C LEU A 139 -20.34 2.55 1.20
N ASP A 140 -20.61 3.63 1.95
CA ASP A 140 -20.96 4.90 1.35
C ASP A 140 -19.87 5.35 0.38
N ALA A 141 -18.62 5.27 0.83
CA ALA A 141 -17.48 5.63 0.01
C ALA A 141 -17.42 4.77 -1.26
N TRP A 142 -17.59 3.46 -1.09
CA TRP A 142 -17.44 2.52 -2.19
C TRP A 142 -18.43 2.85 -3.30
N GLU A 143 -19.63 3.23 -2.91
CA GLU A 143 -20.69 3.60 -3.85
C GLU A 143 -20.22 4.73 -4.76
N ALA A 144 -19.65 5.76 -4.17
CA ALA A 144 -19.16 6.90 -4.93
C ALA A 144 -17.93 6.55 -5.76
N MET A 145 -17.07 5.69 -5.22
CA MET A 145 -15.89 5.26 -5.96
C MET A 145 -16.25 4.45 -7.20
N GLU A 146 -17.35 3.69 -7.12
CA GLU A 146 -17.78 2.89 -8.26
C GLU A 146 -18.11 3.74 -9.48
N GLU A 147 -18.58 4.97 -9.23
CA GLU A 147 -18.83 5.94 -10.30
C GLU A 147 -17.56 6.24 -11.09
N LEU A 148 -16.44 6.40 -10.39
CA LEU A 148 -15.19 6.72 -11.04
C LEU A 148 -14.79 5.62 -12.02
N VAL A 149 -15.13 4.38 -11.67
CA VAL A 149 -14.84 3.25 -12.54
C VAL A 149 -15.78 3.27 -13.75
N ASP A 150 -17.05 3.53 -13.51
CA ASP A 150 -18.04 3.66 -14.59
C ASP A 150 -17.57 4.69 -15.61
N GLU A 151 -16.93 5.75 -15.12
CA GLU A 151 -16.51 6.87 -15.95
C GLU A 151 -15.11 6.69 -16.56
N GLY A 152 -14.43 5.61 -16.18
CA GLY A 152 -13.11 5.30 -16.71
C GLY A 152 -12.01 6.13 -16.08
N LEU A 153 -12.31 6.76 -14.95
CA LEU A 153 -11.33 7.59 -14.28
C LEU A 153 -10.46 6.72 -13.39
N VAL A 154 -10.97 5.55 -13.02
CA VAL A 154 -10.24 4.56 -12.24
C VAL A 154 -10.48 3.19 -12.86
N MLZ A 155 -9.41 2.41 -13.04
CA MLZ A 155 -9.54 1.11 -13.69
CB MLZ A 155 -8.21 0.68 -14.31
CG MLZ A 155 -7.68 1.72 -15.28
CD MLZ A 155 -8.53 1.77 -16.56
CE MLZ A 155 -8.00 2.83 -17.52
NZ MLZ A 155 -8.88 3.03 -18.65
CM MLZ A 155 -9.63 4.26 -18.77
C MLZ A 155 -10.05 0.05 -12.74
O MLZ A 155 -10.78 -0.85 -13.15
N ALA A 156 -9.68 0.14 -11.47
CA ALA A 156 -10.12 -0.85 -10.48
C ALA A 156 -10.09 -0.27 -9.07
N LEU A 157 -10.93 -0.82 -8.20
CA LEU A 157 -11.00 -0.37 -6.82
C LEU A 157 -10.38 -1.42 -5.91
N GLY A 158 -9.93 -0.98 -4.74
CA GLY A 158 -9.44 -1.93 -3.75
C GLY A 158 -9.63 -1.37 -2.36
N VAL A 159 -9.13 -2.10 -1.37
CA VAL A 159 -9.25 -1.69 0.01
C VAL A 159 -7.89 -1.72 0.72
N SER A 160 -7.81 -1.13 1.90
CA SER A 160 -6.56 -1.15 2.64
C SER A 160 -6.91 -1.20 4.13
N ASN A 161 -6.16 -2.00 4.88
CA ASN A 161 -6.39 -2.17 6.31
C ASN A 161 -7.75 -2.77 6.61
N PHE A 162 -8.25 -3.61 5.72
CA PHE A 162 -9.50 -4.31 5.93
C PHE A 162 -9.25 -5.69 6.53
N SER A 163 -10.07 -6.08 7.49
CA SER A 163 -10.07 -7.44 8.01
C SER A 163 -10.98 -8.27 7.12
N HIS A 164 -10.94 -9.60 7.27
CA HIS A 164 -11.78 -10.45 6.43
C HIS A 164 -13.26 -10.22 6.67
N PHE A 165 -13.62 -9.81 7.89
CA PHE A 165 -15.00 -9.47 8.20
C PHE A 165 -15.49 -8.28 7.39
N GLN A 166 -14.62 -7.28 7.25
CA GLN A 166 -14.97 -6.08 6.51
C GLN A 166 -15.01 -6.34 5.01
N ILE A 167 -14.11 -7.18 4.53
CA ILE A 167 -14.12 -7.57 3.12
C ILE A 167 -15.40 -8.36 2.83
N GLU A 168 -15.77 -9.24 3.76
CA GLU A 168 -17.03 -9.98 3.64
C GLU A 168 -18.21 -9.03 3.56
N LYS A 169 -18.18 -7.98 4.39
CA LYS A 169 -19.25 -6.99 4.40
C LYS A 169 -19.37 -6.34 3.03
N LEU A 170 -18.22 -6.07 2.42
CA LEU A 170 -18.18 -5.42 1.12
C LEU A 170 -18.67 -6.37 0.03
N LEU A 171 -18.10 -7.58 -0.01
CA LEU A 171 -18.44 -8.55 -1.04
C LEU A 171 -19.90 -8.97 -0.97
N ASN A 172 -20.44 -9.02 0.25
CA ASN A 172 -21.81 -9.48 0.44
C ASN A 172 -22.83 -8.34 0.43
N LYS A 173 -22.37 -7.13 0.10
CA LYS A 173 -23.27 -5.99 -0.02
C LYS A 173 -24.19 -6.18 -1.21
N PRO A 174 -25.51 -6.20 -0.98
CA PRO A 174 -26.46 -6.31 -2.08
C PRO A 174 -26.30 -5.13 -3.03
N GLY A 175 -26.17 -5.41 -4.33
CA GLY A 175 -26.10 -4.35 -5.32
C GLY A 175 -24.70 -3.85 -5.62
N LEU A 176 -23.69 -4.64 -5.22
CA LEU A 176 -22.30 -4.33 -5.50
C LEU A 176 -22.01 -4.32 -7.00
N MLZ A 177 -21.31 -3.29 -7.46
CA MLZ A 177 -20.98 -3.15 -8.88
CB MLZ A 177 -21.05 -1.68 -9.25
CG MLZ A 177 -21.55 -1.43 -10.67
CD MLZ A 177 -21.53 0.07 -11.00
CE MLZ A 177 -22.60 0.86 -10.25
NZ MLZ A 177 -22.83 2.17 -10.84
CM MLZ A 177 -23.11 3.32 -9.99
C MLZ A 177 -19.60 -3.71 -9.15
O MLZ A 177 -19.40 -4.52 -10.05
N TYR A 178 -18.62 -3.25 -8.37
CA TYR A 178 -17.23 -3.66 -8.56
C TYR A 178 -16.65 -4.30 -7.30
N LYS A 179 -15.77 -5.28 -7.50
CA LYS A 179 -15.14 -5.98 -6.38
C LYS A 179 -13.73 -5.44 -6.18
N PRO A 180 -13.25 -5.46 -4.92
CA PRO A 180 -11.87 -5.03 -4.65
C PRO A 180 -10.84 -5.95 -5.30
N VAL A 181 -9.82 -5.38 -5.94
CA VAL A 181 -8.80 -6.17 -6.61
C VAL A 181 -7.61 -6.45 -5.69
N THR A 182 -7.48 -5.66 -4.63
CA THR A 182 -6.39 -5.85 -3.69
C THR A 182 -6.79 -5.40 -2.29
N ASN A 183 -6.11 -5.93 -1.27
CA ASN A 183 -6.21 -5.43 0.08
C ASN A 183 -4.79 -5.10 0.53
N GLN A 184 -4.52 -3.82 0.71
CA GLN A 184 -3.18 -3.38 1.07
C GLN A 184 -3.09 -3.30 2.59
N VAL A 185 -2.23 -4.15 3.16
CA VAL A 185 -2.11 -4.23 4.61
C VAL A 185 -0.64 -4.36 4.97
N GLU A 186 -0.33 -4.09 6.23
CA GLU A 186 1.02 -4.32 6.71
C GLU A 186 1.34 -5.81 6.64
N CYS A 187 2.55 -6.13 6.18
CA CYS A 187 2.96 -7.53 6.11
C CYS A 187 4.47 -7.65 6.03
N HIS A 188 5.00 -8.53 6.87
CA HIS A 188 6.43 -8.72 6.98
C HIS A 188 6.62 -9.92 7.92
N PRO A 189 7.87 -10.36 8.14
CA PRO A 189 8.04 -11.58 8.93
C PRO A 189 7.52 -11.52 10.38
N TYR A 190 7.25 -10.34 10.91
CA TYR A 190 6.70 -10.23 12.26
C TYR A 190 5.17 -10.18 12.26
N LEU A 191 4.59 -10.07 11.07
CA LEU A 191 3.14 -9.99 10.87
C LEU A 191 2.88 -10.64 9.51
N THR A 192 2.87 -11.98 9.49
N THR A 192 2.89 -11.97 9.47
CA THR A 192 2.88 -12.72 8.23
CA THR A 192 2.88 -12.67 8.18
C THR A 192 1.51 -12.82 7.54
C THR A 192 1.51 -12.76 7.51
N GLN A 193 0.45 -12.43 8.24
CA GLN A 193 -0.90 -12.40 7.68
C GLN A 193 -1.37 -13.68 7.01
N GLU A 194 -1.03 -14.83 7.57
CA GLU A 194 -1.33 -16.09 6.90
C GLU A 194 -2.82 -16.30 6.62
N LYS A 195 -3.65 -16.05 7.63
CA LYS A 195 -5.09 -16.27 7.47
C LYS A 195 -5.73 -15.24 6.55
N LEU A 196 -5.31 -13.98 6.66
CA LEU A 196 -5.87 -12.93 5.81
C LEU A 196 -5.46 -13.09 4.35
N ILE A 197 -4.21 -13.48 4.11
CA ILE A 197 -3.77 -13.73 2.75
C ILE A 197 -4.52 -14.91 2.14
N GLN A 198 -4.67 -15.97 2.93
CA GLN A 198 -5.43 -17.14 2.49
C GLN A 198 -6.84 -16.75 2.10
N TYR A 199 -7.48 -15.96 2.95
CA TYR A 199 -8.83 -15.49 2.70
C TYR A 199 -8.92 -14.68 1.41
N CYS A 200 -8.08 -13.65 1.29
CA CYS A 200 -8.13 -12.76 0.13
C CYS A 200 -7.91 -13.51 -1.18
N HIS A 201 -6.90 -14.38 -1.20
CA HIS A 201 -6.62 -15.15 -2.40
C HIS A 201 -7.79 -16.04 -2.79
N SER A 202 -8.51 -16.54 -1.79
CA SER A 202 -9.67 -17.42 -2.03
C SER A 202 -10.85 -16.65 -2.62
N MLY A 203 -10.80 -15.32 -2.52
CA MLY A 203 -11.87 -14.48 -3.05
CB MLY A 203 -12.39 -13.50 -2.00
CG MLY A 203 -12.85 -14.10 -0.68
CD MLY A 203 -13.89 -15.20 -0.88
CE MLY A 203 -14.59 -15.52 0.45
NZ MLY A 203 -15.31 -16.83 0.53
CH1 MLY A 203 -16.70 -16.55 0.91
CH2 MLY A 203 -15.35 -17.46 -0.80
C MLY A 203 -11.45 -13.73 -4.30
O MLY A 203 -12.17 -12.85 -4.78
N GLY A 204 -10.27 -14.07 -4.83
CA GLY A 204 -9.77 -13.43 -6.05
C GLY A 204 -9.22 -12.04 -5.79
N ILE A 205 -8.83 -11.81 -4.54
CA ILE A 205 -8.28 -10.53 -4.12
C ILE A 205 -6.81 -10.69 -3.79
N THR A 206 -5.96 -9.87 -4.43
CA THR A 206 -4.54 -9.90 -4.15
C THR A 206 -4.26 -9.17 -2.85
N VAL A 207 -3.04 -9.35 -2.34
CA VAL A 207 -2.59 -8.62 -1.16
C VAL A 207 -1.39 -7.75 -1.54
N THR A 208 -1.39 -6.51 -1.06
CA THR A 208 -0.26 -5.63 -1.21
C THR A 208 0.33 -5.40 0.16
N ALA A 209 1.61 -5.76 0.33
CA ALA A 209 2.28 -5.67 1.62
C ALA A 209 2.88 -4.28 1.83
N TYR A 210 2.38 -3.57 2.82
CA TYR A 210 3.00 -2.29 3.18
C TYR A 210 3.94 -2.41 4.39
N SER A 211 4.76 -1.39 4.58
CA SER A 211 5.83 -1.42 5.59
C SER A 211 6.64 -2.73 5.62
N PRO A 212 7.10 -3.19 4.44
CA PRO A 212 7.78 -4.49 4.40
C PRO A 212 9.14 -4.50 5.10
N LEU A 213 9.71 -3.33 5.37
CA LEU A 213 10.99 -3.25 6.06
C LEU A 213 10.76 -2.90 7.52
N GLY A 214 9.49 -2.89 7.90
CA GLY A 214 9.11 -2.61 9.28
C GLY A 214 9.01 -1.12 9.57
N SER A 215 8.97 -0.33 8.51
CA SER A 215 8.81 1.13 8.60
C SER A 215 9.66 1.75 9.70
N PRO A 216 11.00 1.60 9.61
CA PRO A 216 11.87 2.05 10.70
C PRO A 216 11.82 3.55 10.98
N ASP A 217 11.28 4.33 10.05
CA ASP A 217 11.25 5.79 10.19
C ASP A 217 9.98 6.29 10.86
N ARG A 218 9.02 5.40 11.13
CA ARG A 218 7.74 5.79 11.71
C ARG A 218 7.97 6.61 12.99
N PRO A 219 7.23 7.72 13.13
CA PRO A 219 7.47 8.67 14.22
C PRO A 219 7.33 8.05 15.61
N TRP A 220 6.36 7.15 15.75
CA TRP A 220 6.02 6.58 17.06
C TRP A 220 6.88 5.37 17.44
N ALA A 221 7.97 5.16 16.72
CA ALA A 221 8.84 4.01 16.99
C ALA A 221 9.59 4.15 18.32
N LYS A 222 9.59 3.07 19.10
CA LYS A 222 10.33 3.04 20.36
C LYS A 222 11.52 2.10 20.23
N PRO A 223 12.64 2.43 20.92
CA PRO A 223 13.88 1.66 20.82
C PRO A 223 13.72 0.18 21.18
N GLU A 224 12.64 -0.18 21.87
CA GLU A 224 12.41 -1.57 22.24
C GLU A 224 11.58 -2.31 21.18
N ASP A 225 10.97 -1.56 20.27
CA ASP A 225 10.24 -2.16 19.15
C ASP A 225 11.20 -3.02 18.33
N PRO A 226 10.71 -4.17 17.84
CA PRO A 226 11.54 -5.06 17.03
C PRO A 226 11.97 -4.37 15.73
N SER A 227 13.19 -4.68 15.29
N SER A 227 13.19 -4.69 15.28
CA SER A 227 13.75 -4.09 14.07
CA SER A 227 13.74 -4.09 14.07
C SER A 227 14.10 -5.18 13.07
C SER A 227 14.11 -5.17 13.07
N LEU A 228 13.30 -5.31 12.02
CA LEU A 228 13.50 -6.34 11.00
C LEU A 228 14.86 -6.28 10.31
N LEU A 229 15.32 -5.08 9.98
CA LEU A 229 16.56 -4.92 9.24
C LEU A 229 17.77 -5.33 10.06
N GLU A 230 17.65 -5.26 11.38
N GLU A 230 17.63 -5.26 11.38
CA GLU A 230 18.79 -5.60 12.25
CA GLU A 230 18.72 -5.57 12.30
C GLU A 230 18.62 -6.98 12.87
C GLU A 230 18.62 -6.99 12.84
N ASP A 231 17.53 -7.67 12.51
CA ASP A 231 17.27 -9.03 13.01
C ASP A 231 18.34 -10.00 12.52
N PRO A 232 19.11 -10.60 13.46
CA PRO A 232 20.20 -11.50 13.10
C PRO A 232 19.75 -12.69 12.25
N MLZ A 233 18.52 -13.16 12.45
CA MLZ A 233 18.03 -14.30 11.72
CB MLZ A 233 16.89 -14.99 12.45
CG MLZ A 233 17.39 -15.46 13.81
CD MLZ A 233 16.35 -16.29 14.55
CE MLZ A 233 16.35 -17.74 14.06
NZ MLZ A 233 15.88 -18.66 15.07
CM MLZ A 233 15.58 -18.21 16.42
C MLZ A 233 17.61 -13.92 10.31
O MLZ A 233 17.67 -14.75 9.41
N ILE A 234 17.19 -12.68 10.11
CA ILE A 234 16.94 -12.19 8.76
C ILE A 234 18.28 -11.99 8.05
N LYS A 235 19.21 -11.38 8.78
CA LYS A 235 20.55 -11.10 8.25
C LYS A 235 21.29 -12.37 7.88
N GLU A 236 21.00 -13.46 8.59
CA GLU A 236 21.60 -14.75 8.29
C GLU A 236 21.23 -15.23 6.90
N ILE A 237 19.94 -15.13 6.58
CA ILE A 237 19.44 -15.55 5.28
C ILE A 237 19.96 -14.63 4.17
N ALA A 238 20.06 -13.34 4.46
CA ALA A 238 20.65 -12.38 3.53
C ALA A 238 22.09 -12.75 3.20
N ALA A 239 22.88 -13.00 4.23
CA ALA A 239 24.28 -13.41 4.07
C ALA A 239 24.41 -14.67 3.22
N LYS A 240 23.47 -15.61 3.39
CA LYS A 240 23.53 -16.88 2.65
C LYS A 240 23.47 -16.63 1.14
N HIS A 241 22.81 -15.55 0.75
CA HIS A 241 22.64 -15.21 -0.66
C HIS A 241 23.52 -14.05 -1.11
N MLY A 242 24.35 -13.55 -0.21
CA MLY A 242 25.14 -12.33 -0.42
CB MLY A 242 26.29 -12.58 -1.40
CG MLY A 242 27.21 -13.72 -0.97
CD MLY A 242 28.47 -13.79 -1.81
CE MLY A 242 29.21 -15.08 -1.53
NZ MLY A 242 30.68 -14.91 -1.37
CH1 MLY A 242 31.18 -16.15 -0.77
CH2 MLY A 242 30.89 -13.84 -0.37
C MLY A 242 24.25 -11.17 -0.87
O MLY A 242 24.59 -10.43 -1.81
N MLZ A 243 23.11 -11.04 -0.21
CA MLZ A 243 22.16 -9.97 -0.47
CB MLZ A 243 20.83 -10.59 -0.89
CG MLZ A 243 20.93 -11.27 -2.24
CD MLZ A 243 21.00 -10.27 -3.40
CE MLZ A 243 21.19 -11.01 -4.72
NZ MLZ A 243 21.12 -10.15 -5.89
CM MLZ A 243 20.75 -8.76 -5.78
C MLZ A 243 21.96 -9.20 0.80
O MLZ A 243 22.50 -9.57 1.84
N THR A 244 21.20 -8.11 0.74
CA THR A 244 20.92 -7.33 1.93
C THR A 244 19.68 -7.84 2.64
N ALA A 245 19.48 -7.42 3.89
CA ALA A 245 18.30 -7.81 4.62
C ALA A 245 17.05 -7.28 3.93
N ALA A 246 17.13 -6.04 3.45
CA ALA A 246 16.03 -5.42 2.73
C ALA A 246 15.58 -6.28 1.54
N GLN A 247 16.56 -6.77 0.79
CA GLN A 247 16.26 -7.58 -0.37
C GLN A 247 15.57 -8.90 0.01
N VAL A 248 15.97 -9.49 1.13
CA VAL A 248 15.30 -10.69 1.62
C VAL A 248 13.86 -10.39 2.04
N LEU A 249 13.68 -9.27 2.73
CA LEU A 249 12.37 -8.86 3.23
C LEU A 249 11.38 -8.58 2.08
N ILE A 250 11.92 -8.09 0.97
CA ILE A 250 11.13 -7.84 -0.21
C ILE A 250 10.84 -9.13 -0.98
N ARG A 251 11.88 -9.94 -1.18
CA ARG A 251 11.75 -11.20 -1.92
C ARG A 251 10.79 -12.17 -1.24
N PHE A 252 10.72 -12.08 0.09
CA PHE A 252 9.78 -12.87 0.89
C PHE A 252 8.35 -12.78 0.35
N HIS A 253 7.89 -11.57 0.07
CA HIS A 253 6.53 -11.38 -0.40
C HIS A 253 6.34 -11.87 -1.83
N ILE A 254 7.32 -11.60 -2.67
CA ILE A 254 7.28 -12.01 -4.07
C ILE A 254 7.03 -13.52 -4.17
N GLN A 255 7.67 -14.29 -3.30
CA GLN A 255 7.52 -15.74 -3.36
C GLN A 255 6.20 -16.26 -2.80
N ARG A 256 5.42 -15.36 -2.20
CA ARG A 256 4.08 -15.72 -1.73
C ARG A 256 3.03 -15.14 -2.69
N ASN A 257 3.51 -14.64 -3.82
CA ASN A 257 2.69 -13.93 -4.79
C ASN A 257 1.97 -12.72 -4.18
N VAL A 258 2.68 -12.04 -3.27
CA VAL A 258 2.14 -10.83 -2.65
C VAL A 258 2.90 -9.60 -3.14
N ILE A 259 2.17 -8.59 -3.61
CA ILE A 259 2.75 -7.34 -4.07
C ILE A 259 3.38 -6.62 -2.88
N VAL A 260 4.48 -5.92 -3.12
CA VAL A 260 5.21 -5.28 -2.03
C VAL A 260 5.69 -3.90 -2.45
N ILE A 261 5.56 -2.93 -1.55
CA ILE A 261 5.82 -1.54 -1.90
C ILE A 261 6.80 -0.81 -0.96
N PRO A 262 8.07 -1.24 -0.95
CA PRO A 262 9.04 -0.56 -0.07
C PRO A 262 9.21 0.93 -0.43
N MLY A 263 9.30 1.78 0.58
CA MLY A 263 9.51 3.20 0.37
CB MLY A 263 8.68 4.01 1.38
CG MLY A 263 8.96 5.52 1.41
CD MLY A 263 9.89 5.94 2.56
CE MLY A 263 10.24 7.42 2.51
NZ MLY A 263 11.31 7.77 3.49
CH1 MLY A 263 11.67 9.18 3.27
CH2 MLY A 263 10.77 7.65 4.85
C MLY A 263 10.99 3.58 0.53
O MLY A 263 11.64 3.19 1.49
N SER A 264 11.50 4.38 -0.41
CA SER A 264 12.77 5.04 -0.20
C SER A 264 12.86 6.30 -1.04
N VAL A 265 13.66 7.26 -0.58
CA VAL A 265 14.02 8.41 -1.41
C VAL A 265 15.51 8.41 -1.69
N THR A 266 16.16 7.33 -1.28
CA THR A 266 17.61 7.19 -1.44
C THR A 266 17.88 6.40 -2.71
N PRO A 267 18.50 7.04 -3.72
CA PRO A 267 18.71 6.39 -5.02
C PRO A 267 19.30 4.99 -4.91
N ALA A 268 20.37 4.83 -4.13
CA ALA A 268 21.01 3.52 -3.99
C ALA A 268 20.04 2.46 -3.44
N ARG A 269 19.21 2.85 -2.48
CA ARG A 269 18.27 1.92 -1.88
C ARG A 269 17.11 1.62 -2.82
N ILE A 270 16.67 2.64 -3.56
CA ILE A 270 15.61 2.44 -4.54
C ILE A 270 16.03 1.37 -5.54
N VAL A 271 17.25 1.47 -6.06
CA VAL A 271 17.79 0.43 -6.93
C VAL A 271 17.91 -0.93 -6.22
N GLU A 272 18.52 -0.93 -5.04
CA GLU A 272 18.68 -2.13 -4.22
C GLU A 272 17.37 -2.90 -4.05
N ASN A 273 16.31 -2.17 -3.74
CA ASN A 273 15.02 -2.76 -3.41
C ASN A 273 14.32 -3.46 -4.56
N ILE A 274 14.76 -3.22 -5.80
CA ILE A 274 14.17 -3.90 -6.95
C ILE A 274 15.13 -4.93 -7.56
N GLN A 275 16.32 -5.06 -6.98
N GLN A 275 16.32 -5.07 -6.97
CA GLN A 275 17.24 -6.13 -7.37
CA GLN A 275 17.24 -6.13 -7.35
C GLN A 275 16.90 -7.40 -6.61
C GLN A 275 16.89 -7.39 -6.59
N VAL A 276 15.72 -7.96 -6.89
CA VAL A 276 15.21 -9.10 -6.14
C VAL A 276 14.67 -10.18 -7.06
N PHE A 277 15.15 -10.19 -8.30
CA PHE A 277 14.68 -11.17 -9.28
C PHE A 277 15.83 -12.04 -9.78
N ASP A 278 16.96 -11.98 -9.08
CA ASP A 278 18.13 -12.77 -9.44
C ASP A 278 18.58 -13.72 -8.33
N PHE A 279 17.68 -13.99 -7.39
CA PHE A 279 17.90 -15.01 -6.36
C PHE A 279 16.58 -15.58 -5.87
N LYS A 280 16.63 -16.71 -5.18
CA LYS A 280 15.44 -17.34 -4.64
C LYS A 280 15.66 -17.82 -3.22
N LEU A 281 14.72 -17.51 -2.34
CA LEU A 281 14.75 -18.06 -0.99
C LEU A 281 14.26 -19.50 -1.07
N SER A 282 14.98 -20.41 -0.41
CA SER A 282 14.64 -21.82 -0.47
C SER A 282 13.36 -22.10 0.30
N ASP A 283 12.77 -23.27 0.07
CA ASP A 283 11.58 -23.68 0.82
C ASP A 283 11.81 -23.59 2.32
N GLU A 284 12.98 -24.01 2.75
CA GLU A 284 13.33 -24.01 4.17
C GLU A 284 13.49 -22.60 4.71
N GLU A 285 14.06 -21.72 3.90
CA GLU A 285 14.24 -20.32 4.29
C GLU A 285 12.88 -19.62 4.42
N MET A 286 11.97 -19.89 3.48
CA MET A 286 10.62 -19.32 3.54
C MET A 286 9.90 -19.75 4.82
N ALA A 287 10.03 -21.04 5.17
CA ALA A 287 9.41 -21.57 6.37
C ALA A 287 9.98 -20.92 7.62
N THR A 288 11.30 -20.71 7.62
CA THR A 288 11.98 -20.10 8.75
C THR A 288 11.50 -18.66 8.95
N ILE A 289 11.42 -17.93 7.85
CA ILE A 289 10.95 -16.55 7.90
C ILE A 289 9.50 -16.49 8.40
N LEU A 290 8.67 -17.42 7.95
CA LEU A 290 7.28 -17.51 8.38
C LEU A 290 7.15 -17.75 9.88
N SER A 291 8.11 -18.47 10.46
CA SER A 291 8.08 -18.77 11.89
C SER A 291 8.36 -17.56 12.77
N PHE A 292 8.79 -16.46 12.14
CA PHE A 292 9.12 -15.26 12.90
C PHE A 292 7.88 -14.45 13.28
N ASN A 293 6.71 -14.88 12.82
CA ASN A 293 5.47 -14.17 13.10
C ASN A 293 5.24 -13.88 14.58
N ARG A 294 4.96 -12.62 14.90
CA ARG A 294 4.74 -12.18 16.27
C ARG A 294 3.40 -11.49 16.40
N ASN A 295 2.66 -11.41 15.28
CA ASN A 295 1.47 -10.58 15.20
C ASN A 295 1.76 -9.16 15.66
N TRP A 296 2.92 -8.64 15.27
CA TRP A 296 3.32 -7.29 15.65
C TRP A 296 3.08 -6.27 14.55
N ARG A 297 2.37 -5.21 14.90
CA ARG A 297 2.05 -4.14 13.95
C ARG A 297 2.85 -2.88 14.22
N ALA A 298 3.61 -2.44 13.22
CA ALA A 298 4.21 -1.11 13.27
C ALA A 298 3.12 -0.06 13.17
N CYS A 299 2.03 -0.40 12.47
CA CYS A 299 0.89 0.50 12.28
C CYS A 299 -0.35 -0.02 13.01
N ASN A 300 -0.42 0.24 14.31
CA ASN A 300 -1.49 -0.29 15.15
C ASN A 300 -2.70 0.63 15.22
N LEU A 301 -2.46 1.93 15.04
CA LEU A 301 -3.49 2.97 15.13
C LEU A 301 -4.44 2.81 16.33
N LEU A 302 -3.86 2.67 17.52
CA LEU A 302 -4.64 2.50 18.73
C LEU A 302 -5.55 3.69 19.01
N GLN A 303 -5.21 4.83 18.42
CA GLN A 303 -5.97 6.07 18.60
C GLN A 303 -7.37 6.02 17.98
N SER A 304 -7.70 4.93 17.31
CA SER A 304 -9.02 4.82 16.66
C SER A 304 -9.76 3.54 17.04
N SER A 305 -9.26 2.83 18.03
CA SER A 305 -9.82 1.52 18.41
C SER A 305 -11.25 1.60 18.92
N HIS A 306 -11.69 2.79 19.28
CA HIS A 306 -13.01 3.00 19.86
C HIS A 306 -14.11 3.10 18.80
N LEU A 307 -13.72 3.26 17.54
CA LEU A 307 -14.68 3.44 16.46
C LEU A 307 -15.14 2.09 15.91
N GLU A 308 -16.35 2.07 15.33
CA GLU A 308 -17.01 0.83 14.94
C GLU A 308 -16.17 -0.12 14.09
N ASP A 309 -15.66 0.35 12.96
CA ASP A 309 -15.01 -0.54 12.01
C ASP A 309 -13.50 -0.68 12.23
N TYR A 310 -13.08 -0.78 13.49
CA TYR A 310 -11.67 -0.99 13.78
C TYR A 310 -11.26 -2.36 13.30
N PRO A 311 -10.31 -2.42 12.38
CA PRO A 311 -10.02 -3.67 11.68
C PRO A 311 -9.14 -4.65 12.47
N PHE A 312 -8.43 -4.15 13.47
CA PHE A 312 -7.37 -4.96 14.08
C PHE A 312 -7.80 -5.71 15.36
N ASN A 313 -9.07 -5.62 15.72
CA ASN A 313 -9.59 -6.38 16.85
C ASN A 313 -9.84 -7.84 16.47
N ALA A 314 -10.22 -8.06 15.22
CA ALA A 314 -10.46 -9.41 14.72
C ALA A 314 -9.14 -10.17 14.59
N GLU A 315 -9.22 -11.49 14.67
CA GLU A 315 -8.03 -12.34 14.52
C GLU A 315 -7.42 -12.15 13.15
N TYR A 316 -8.27 -12.01 12.13
CA TYR A 316 -7.82 -11.71 10.78
C TYR A 316 -8.95 -11.11 9.95
PA NAP B . 9.03 0.62 4.73
O1A NAP B . 8.92 -0.68 5.48
O2A NAP B . 8.99 0.68 3.22
O5B NAP B . 10.40 1.32 5.22
C5B NAP B . 10.80 2.60 4.73
C4B NAP B . 12.03 3.07 5.51
O4B NAP B . 13.12 2.17 5.30
C3B NAP B . 12.51 4.44 5.06
O3B NAP B . 12.97 5.15 6.21
C2B NAP B . 13.69 4.16 4.16
O2B NAP B . 14.66 5.20 4.24
C1B NAP B . 14.23 2.86 4.70
N9A NAP B . 14.79 1.98 3.63
C8A NAP B . 14.26 1.81 2.42
N7A NAP B . 15.02 0.93 1.73
C5A NAP B . 16.03 0.55 2.53
C6A NAP B . 17.11 -0.32 2.35
N6A NAP B . 17.28 -0.98 1.18
N1A NAP B . 17.97 -0.50 3.38
C2A NAP B . 17.80 0.15 4.53
N3A NAP B . 16.78 1.00 4.74
C4A NAP B . 15.88 1.21 3.73
O3 NAP B . 7.96 1.62 5.42
PN NAP B . 6.60 2.33 4.90
O1N NAP B . 7.01 3.57 4.16
O2N NAP B . 5.72 2.45 6.12
O5D NAP B . 5.86 1.31 3.90
C5D NAP B . 6.08 1.38 2.49
C4D NAP B . 4.93 2.07 1.78
O4D NAP B . 3.68 1.39 2.02
C3D NAP B . 4.66 3.49 2.24
O3D NAP B . 5.59 4.45 1.73
C2D NAP B . 3.26 3.68 1.72
O2D NAP B . 3.36 3.87 0.30
C1D NAP B . 2.61 2.34 2.00
N1N NAP B . 1.88 2.35 3.29
C2N NAP B . 0.55 2.24 3.28
C3N NAP B . -0.19 2.23 4.46
C7N NAP B . -1.69 2.11 4.43
O7N NAP B . -2.35 2.35 5.43
N7N NAP B . -2.25 1.73 3.28
C4N NAP B . 0.48 2.36 5.67
C5N NAP B . 1.86 2.47 5.66
C6N NAP B . 2.54 2.45 4.45
P2B NAP B . 14.90 6.30 3.08
O1X NAP B . 13.53 6.60 2.55
O2X NAP B . 15.53 7.45 3.82
O3X NAP B . 15.82 5.67 2.07
O23 F49 C . -0.22 5.69 9.76
C10 F49 C . -0.22 6.78 9.21
N12 F49 C . -0.07 6.92 7.85
C19 F49 C . 0.12 5.72 7.04
C20 F49 C . -1.01 5.47 6.09
O22 F49 C . -0.62 5.41 4.85
O21 F49 C . -2.17 5.37 6.44
C13 F49 C . -0.08 8.15 7.25
C11 F49 C . -0.22 9.28 7.95
C9 F49 C . -0.38 9.23 9.37
O18 F49 C . -0.53 10.21 10.10
N8 F49 C . -0.37 7.95 9.93
C7 F49 C . -0.57 7.84 11.38
C1 F49 C . -1.62 8.47 12.18
C3 F49 C . -1.56 9.19 13.41
O24 F49 C . -0.39 9.46 14.02
C25 F49 C . 0.54 10.38 13.39
C5 F49 C . -2.71 9.65 14.05
BR7 F49 C . -2.62 10.52 15.71
C6 F49 C . -3.97 9.45 13.49
BR6 F49 C . -5.50 10.08 14.38
C4 F49 C . -4.02 8.77 12.33
BR5 F49 C . -5.70 8.44 11.54
C2 F49 C . -2.91 8.30 11.67
BR4 F49 C . -3.30 7.35 10.05
C1 EDO D . -4.33 -13.78 -5.96
C1 EDO D . -6.68 -13.54 -8.19
O1 EDO D . -5.01 -13.19 -7.03
O1 EDO D . -6.63 -13.35 -9.57
C2 EDO D . -2.84 -13.99 -6.17
C2 EDO D . -5.76 -12.65 -7.44
O2 EDO D . -2.60 -15.39 -6.28
O2 EDO D . -4.73 -13.39 -6.82
#